data_4NJA
#
_entry.id   4NJA
#
_cell.length_a   92.660
_cell.length_b   127.837
_cell.length_c   47.785
_cell.angle_alpha   90.00
_cell.angle_beta   90.00
_cell.angle_gamma   90.00
#
_symmetry.space_group_name_H-M   'P 21 21 2'
#
loop_
_entity.id
_entity.type
_entity.pdbx_description
1 polymer '6C8 light chain'
2 polymer '6C8 heavy chain'
3 non-polymer 'ZINC ION'
4 non-polymer 'ACETATE ION'
5 non-polymer '8-methoxypyrene-1,3,6-trisulfonic acid'
6 non-polymer 'PHOSPHATE ION'
7 water water
#
loop_
_entity_poly.entity_id
_entity_poly.type
_entity_poly.pdbx_seq_one_letter_code
_entity_poly.pdbx_strand_id
1 'polypeptide(L)'
;DIVLTQSPASLAVSLGQRATISCRASESVDSYGNSFMHWYQQKPGQPPKLLIYRASNLESGIPARFSGSGSRTDFTLTIN
PVEADDVATYYCQQSNEDPRTFGGGTKLEIKRADAAPTVSIFPPSSEQLTSGGASVVCFLNNFYPKDINVKWKIDGSERQ
NGVLNSWTDQDSKDSTYSMSSTLTLTKDEYERHNSYTCEATHKTSTSPIVKSFNRNEC
;
L
2 'polypeptide(L)'
;EVQLQQSGPELVKPGASVKMSCKASGYTFTDYYMHWVKQSHGKSLEWIGYIYPNNGGNGYNQKFKGKATLTVDKSSSTAY
MELRSLTSDDSAVYYCARRGGYGIRGYFDVWGTGTTVTVSSAKTTPPSVYPLAPGCGDTTGSSVTSGCLVKGYFPEPVTV
TWNSGSLSSSVHTFPALLQSGLYTMSSSVTVPSSTWPSQTVTCSVAHPASSTTVDKKLEPSGPISTINPCPPC
;
H
#
loop_
_chem_comp.id
_chem_comp.type
_chem_comp.name
_chem_comp.formula
2M9 non-polymer '8-methoxypyrene-1,3,6-trisulfonic acid' 'C17 H12 O10 S3'
ACT non-polymer 'ACETATE ION' 'C2 H3 O2 -1'
PO4 non-polymer 'PHOSPHATE ION' 'O4 P -3'
ZN non-polymer 'ZINC ION' 'Zn 2'
#
# COMPACT_ATOMS: atom_id res chain seq x y z
N ASP A 1 -6.68 -19.10 22.20
CA ASP A 1 -5.43 -18.77 21.47
C ASP A 1 -5.06 -17.44 22.04
N ILE A 2 -3.82 -17.00 21.92
CA ILE A 2 -3.44 -15.79 22.63
C ILE A 2 -3.82 -14.60 21.81
N VAL A 3 -4.56 -13.67 22.43
CA VAL A 3 -4.87 -12.40 21.79
C VAL A 3 -3.83 -11.30 22.17
N LEU A 4 -3.31 -10.56 21.18
CA LEU A 4 -2.45 -9.41 21.47
C LEU A 4 -3.19 -8.16 21.11
N THR A 5 -3.22 -7.23 22.05
CA THR A 5 -3.87 -5.97 21.85
C THR A 5 -2.77 -4.91 21.81
N GLN A 6 -2.52 -4.28 20.65
CA GLN A 6 -1.60 -3.14 20.61
C GLN A 6 -2.28 -1.84 20.86
N SER A 7 -1.57 -0.88 21.41
CA SER A 7 -2.03 0.50 21.45
C SER A 7 -0.89 1.50 21.44
N PRO A 8 -1.15 2.72 20.91
CA PRO A 8 -2.42 3.05 20.26
C PRO A 8 -2.52 2.31 18.91
N ALA A 9 -3.69 2.38 18.27
CA ALA A 9 -3.87 1.83 16.93
C ALA A 9 -3.08 2.72 15.95
N SER A 10 -2.86 3.96 16.35
CA SER A 10 -2.31 4.94 15.48
C SER A 10 -1.58 6.02 16.28
N LEU A 11 -0.41 6.46 15.84
CA LEU A 11 0.42 7.34 16.70
C LEU A 11 1.09 8.43 15.82
N ALA A 12 0.88 9.72 16.13
CA ALA A 12 1.63 10.80 15.49
C ALA A 12 2.77 11.27 16.43
N VAL A 13 4.02 11.32 15.95
CA VAL A 13 5.19 11.75 16.75
C VAL A 13 6.04 12.72 15.90
N SER A 14 6.56 13.79 16.49
CA SER A 14 7.47 14.69 15.76
C SER A 14 8.85 14.08 15.57
N LEU A 15 9.50 14.48 14.47
CA LEU A 15 10.93 14.17 14.27
C LEU A 15 11.70 14.46 15.55
N GLY A 16 12.58 13.54 15.93
CA GLY A 16 13.48 13.76 17.07
C GLY A 16 12.87 13.32 18.39
N GLN A 17 11.58 12.98 18.41
CA GLN A 17 10.88 12.62 19.65
C GLN A 17 10.82 11.11 19.83
N ARG A 18 10.28 10.68 20.96
CA ARG A 18 10.23 9.28 21.35
C ARG A 18 8.81 8.70 21.11
N ALA A 19 8.71 7.61 20.38
CA ALA A 19 7.44 6.94 20.22
C ALA A 19 7.39 5.75 21.18
N THR A 20 6.24 5.56 21.84
CA THR A 20 6.06 4.40 22.72
C THR A 20 4.89 3.56 22.19
N ILE A 21 5.09 2.27 21.96
CA ILE A 21 4.06 1.43 21.34
C ILE A 21 3.89 0.21 22.22
N SER A 22 2.66 -0.04 22.70
CA SER A 22 2.39 -1.08 23.67
C SER A 22 1.79 -2.30 23.05
N CYS A 23 2.00 -3.46 23.66
CA CYS A 23 1.32 -4.65 23.29
C CYS A 23 0.98 -5.45 24.56
N ARG A 24 -0.27 -5.84 24.73
CA ARG A 24 -0.65 -6.65 25.86
C ARG A 24 -1.17 -8.00 25.38
N ALA A 25 -0.64 -9.10 25.92
CA ALA A 25 -1.13 -10.44 25.59
C ALA A 25 -2.15 -10.92 26.60
N SER A 26 -3.05 -11.83 26.19
CA SER A 26 -4.16 -12.25 27.05
C SER A 26 -3.62 -13.33 27.99
N GLU A 27 -2.42 -13.80 27.72
CA GLU A 27 -1.79 -14.86 28.53
C GLU A 27 -0.32 -14.52 28.59
N SER A 28 0.38 -14.94 29.63
CA SER A 28 1.82 -14.69 29.68
C SER A 28 2.46 -15.38 28.49
N VAL A 29 3.46 -14.76 27.86
CA VAL A 29 4.19 -15.41 26.77
C VAL A 29 5.65 -15.80 27.14
N ASP A 30 5.88 -16.01 28.43
CA ASP A 30 7.18 -16.32 28.95
C ASP A 30 7.34 -17.81 29.07
N SER A 31 8.55 -18.28 28.82
CA SER A 31 8.86 -19.72 28.93
C SER A 31 10.35 -19.77 29.06
N TYR A 32 10.79 -20.69 29.89
CA TYR A 32 12.20 -21.01 30.02
C TYR A 32 13.03 -19.77 30.21
N GLY A 33 12.54 -18.84 31.01
CA GLY A 33 13.29 -17.65 31.30
C GLY A 33 13.28 -16.63 30.20
N ASN A 34 12.55 -16.88 29.11
CA ASN A 34 12.45 -15.89 28.03
C ASN A 34 11.02 -15.38 27.81
N SER A 35 10.92 -14.27 27.08
CA SER A 35 9.64 -13.71 26.68
C SER A 35 9.59 -13.82 25.19
N PHE A 36 8.66 -14.67 24.72
CA PHE A 36 8.55 -14.95 23.29
C PHE A 36 7.63 -13.98 22.58
N MET A 37 8.05 -12.71 22.62
CA MET A 37 7.35 -11.64 21.90
C MET A 37 8.34 -10.95 20.97
N HIS A 38 7.92 -10.70 19.75
CA HIS A 38 8.74 -10.08 18.73
C HIS A 38 8.06 -8.85 18.13
N TRP A 39 8.89 -7.98 17.53
CA TRP A 39 8.37 -6.81 16.85
C TRP A 39 8.86 -6.73 15.38
N TYR A 40 7.93 -6.37 14.50
CA TYR A 40 8.20 -6.23 13.09
C TYR A 40 7.77 -4.84 12.62
N GLN A 41 8.47 -4.33 11.62
CA GLN A 41 8.15 -3.09 10.98
C GLN A 41 7.64 -3.40 9.57
N GLN A 42 6.53 -2.77 9.18
CA GLN A 42 6.10 -2.90 7.82
C GLN A 42 5.88 -1.54 7.17
N LYS A 43 6.75 -1.16 6.22
CA LYS A 43 6.58 0.07 5.46
C LYS A 43 5.55 -0.25 4.38
N PRO A 44 4.76 0.74 3.96
CA PRO A 44 3.62 0.40 3.12
C PRO A 44 4.15 -0.10 1.79
N GLY A 45 3.48 -1.08 1.23
CA GLY A 45 3.94 -1.71 0.00
C GLY A 45 4.90 -2.87 0.19
N GLN A 46 5.40 -3.09 1.41
CA GLN A 46 6.58 -3.93 1.62
C GLN A 46 6.32 -5.08 2.58
N PRO A 47 7.19 -6.10 2.57
CA PRO A 47 7.06 -7.20 3.54
C PRO A 47 7.37 -6.73 4.93
N PRO A 48 6.85 -7.40 5.96
CA PRO A 48 7.33 -6.98 7.31
C PRO A 48 8.84 -7.23 7.45
N LYS A 49 9.45 -6.68 8.49
CA LYS A 49 10.87 -6.80 8.65
C LYS A 49 11.09 -6.89 10.15
N LEU A 50 11.90 -7.85 10.61
CA LEU A 50 12.12 -8.10 12.06
C LEU A 50 12.89 -6.98 12.70
N LEU A 51 12.43 -6.40 13.78
CA LEU A 51 13.19 -5.34 14.46
C LEU A 51 13.86 -5.89 15.72
N ILE A 52 13.05 -6.59 16.52
CA ILE A 52 13.38 -7.03 17.89
C ILE A 52 12.83 -8.45 18.07
N TYR A 53 13.63 -9.34 18.65
CA TYR A 53 13.16 -10.68 19.03
C TYR A 53 13.35 -10.97 20.46
N ARG A 54 12.49 -11.86 20.98
CA ARG A 54 12.41 -12.23 22.39
C ARG A 54 12.40 -11.00 23.26
N ALA A 55 11.50 -10.08 22.90
CA ALA A 55 11.13 -8.92 23.71
C ALA A 55 12.18 -7.83 23.60
N SER A 56 13.46 -8.18 23.77
CA SER A 56 14.42 -7.10 23.88
C SER A 56 15.70 -7.18 23.05
N ASN A 57 15.85 -8.18 22.17
CA ASN A 57 17.14 -8.30 21.42
C ASN A 57 17.02 -7.63 20.04
N LEU A 58 17.95 -6.73 19.74
CA LEU A 58 17.97 -6.03 18.47
C LEU A 58 18.49 -6.93 17.32
N GLU A 59 17.68 -7.15 16.30
CA GLU A 59 18.15 -7.88 15.11
C GLU A 59 19.31 -7.09 14.37
N SER A 60 20.25 -7.79 13.75
CA SER A 60 21.35 -7.08 13.10
C SER A 60 20.90 -6.29 11.92
N GLY A 61 21.58 -5.17 11.68
CA GLY A 61 21.23 -4.30 10.58
C GLY A 61 20.13 -3.33 10.95
N ILE A 62 19.49 -3.57 12.10
CA ILE A 62 18.45 -2.66 12.65
C ILE A 62 19.08 -1.61 13.58
N PRO A 63 18.88 -0.29 13.30
CA PRO A 63 19.50 0.71 14.19
C PRO A 63 19.05 0.67 15.68
N ALA A 64 19.95 1.09 16.57
CA ALA A 64 19.67 1.06 18.01
C ALA A 64 18.63 2.13 18.55
N ARG A 65 18.10 2.95 17.65
CA ARG A 65 16.92 3.77 17.89
C ARG A 65 15.67 2.92 18.22
N PHE A 66 15.67 1.66 17.82
CA PHE A 66 14.61 0.73 18.12
C PHE A 66 15.00 -0.10 19.31
N SER A 67 14.11 -0.20 20.29
CA SER A 67 14.37 -1.07 21.46
C SER A 67 13.07 -1.65 22.02
N GLY A 68 13.17 -2.79 22.66
CA GLY A 68 11.99 -3.48 23.15
C GLY A 68 12.19 -3.78 24.62
N SER A 69 11.10 -3.74 25.38
CA SER A 69 11.16 -4.15 26.78
C SER A 69 9.88 -4.92 27.10
N GLY A 70 9.82 -5.47 28.31
CA GLY A 70 8.62 -6.11 28.81
C GLY A 70 8.77 -7.59 29.00
N SER A 71 7.90 -8.17 29.81
CA SER A 71 7.87 -9.60 29.94
C SER A 71 6.45 -9.95 30.33
N ARG A 72 6.17 -11.26 30.43
CA ARG A 72 4.86 -11.82 30.75
C ARG A 72 3.78 -11.40 29.80
N THR A 73 3.03 -10.35 30.13
CA THR A 73 1.92 -9.92 29.25
C THR A 73 2.08 -8.54 28.65
N ASP A 74 2.89 -7.67 29.25
CA ASP A 74 3.02 -6.29 28.77
C ASP A 74 4.36 -5.98 28.09
N PHE A 75 4.32 -5.52 26.87
CA PHE A 75 5.55 -5.25 26.14
C PHE A 75 5.54 -3.90 25.49
N THR A 76 6.73 -3.32 25.30
CA THR A 76 6.90 -2.01 24.76
C THR A 76 7.94 -1.99 23.68
N LEU A 77 7.62 -1.32 22.60
CA LEU A 77 8.57 -1.02 21.56
C LEU A 77 8.81 0.49 21.62
N THR A 78 10.06 0.89 21.69
CA THR A 78 10.40 2.28 21.72
C THR A 78 11.19 2.63 20.45
N ILE A 79 10.80 3.73 19.83
CA ILE A 79 11.58 4.35 18.74
C ILE A 79 12.08 5.68 19.20
N ASN A 80 13.40 5.87 19.22
CA ASN A 80 13.97 7.05 19.80
C ASN A 80 15.39 7.32 19.32
N PRO A 81 15.61 8.39 18.53
CA PRO A 81 14.60 9.33 18.07
C PRO A 81 13.86 8.78 16.88
N VAL A 82 12.66 9.31 16.64
CA VAL A 82 11.92 8.96 15.46
C VAL A 82 12.49 9.72 14.25
N GLU A 83 12.58 9.05 13.10
CA GLU A 83 13.07 9.70 11.87
C GLU A 83 11.98 9.63 10.79
N ALA A 84 12.09 10.48 9.79
CA ALA A 84 11.06 10.61 8.78
C ALA A 84 10.67 9.30 8.13
N ASP A 85 11.64 8.40 7.90
CA ASP A 85 11.32 7.16 7.22
C ASP A 85 10.96 6.04 8.16
N ASP A 86 10.66 6.36 9.42
CA ASP A 86 10.03 5.36 10.30
C ASP A 86 8.52 5.18 10.05
N VAL A 87 7.93 5.96 9.13
CA VAL A 87 6.55 5.83 8.79
C VAL A 87 6.29 4.36 8.41
N ALA A 88 5.53 3.65 9.24
CA ALA A 88 5.31 2.25 9.01
C ALA A 88 4.15 1.84 9.91
N THR A 89 3.72 0.59 9.78
CA THR A 89 2.96 -0.05 10.84
C THR A 89 3.87 -1.02 11.60
N TYR A 90 3.86 -0.95 12.93
CA TYR A 90 4.57 -1.89 13.76
C TYR A 90 3.67 -2.97 14.33
N TYR A 91 4.15 -4.19 14.32
CA TYR A 91 3.37 -5.32 14.81
C TYR A 91 4.17 -6.08 15.87
N CYS A 92 3.49 -6.45 16.95
CA CYS A 92 4.03 -7.43 17.91
C CYS A 92 3.50 -8.81 17.47
N GLN A 93 4.21 -9.86 17.84
CA GLN A 93 3.81 -11.23 17.58
C GLN A 93 4.36 -12.10 18.68
N GLN A 94 3.53 -13.01 19.21
CA GLN A 94 3.99 -13.99 20.15
C GLN A 94 4.28 -15.33 19.47
N SER A 95 5.25 -16.07 19.98
CA SER A 95 5.45 -17.41 19.50
C SER A 95 5.60 -18.33 20.70
N ASN A 96 5.08 -17.95 21.86
CA ASN A 96 5.13 -18.91 22.98
C ASN A 96 4.23 -20.15 22.78
N GLU A 97 3.13 -20.00 22.04
CA GLU A 97 2.24 -21.16 21.77
C GLU A 97 1.53 -21.03 20.47
N ASP A 98 1.27 -22.19 19.90
CA ASP A 98 0.57 -22.34 18.66
C ASP A 98 -0.89 -21.99 18.94
N PRO A 99 -1.56 -21.25 18.06
CA PRO A 99 -0.90 -20.74 16.83
C PRO A 99 -0.22 -19.42 17.15
N ARG A 100 0.93 -19.15 16.52
CA ARG A 100 1.47 -17.82 16.59
C ARG A 100 0.36 -16.76 16.30
N THR A 101 0.43 -15.64 16.98
CA THR A 101 -0.54 -14.57 16.77
C THR A 101 0.15 -13.20 16.82
N PHE A 102 -0.50 -12.23 16.18
CA PHE A 102 -0.01 -10.89 15.92
C PHE A 102 -0.96 -9.89 16.54
N GLY A 103 -0.43 -8.79 17.07
CA GLY A 103 -1.24 -7.63 17.41
C GLY A 103 -1.78 -7.01 16.14
N GLY A 104 -2.69 -6.06 16.26
CA GLY A 104 -3.43 -5.59 15.10
C GLY A 104 -2.67 -4.44 14.42
N GLY A 105 -1.52 -4.08 14.97
CA GLY A 105 -0.63 -3.08 14.36
C GLY A 105 -0.79 -1.67 14.94
N THR A 106 0.28 -0.91 14.91
CA THR A 106 0.22 0.47 15.26
C THR A 106 0.88 1.23 14.14
N LYS A 107 0.12 2.17 13.57
CA LYS A 107 0.55 2.95 12.46
C LYS A 107 1.25 4.22 12.92
N LEU A 108 2.55 4.37 12.61
CA LEU A 108 3.30 5.53 13.07
C LEU A 108 3.19 6.61 12.02
N GLU A 109 2.75 7.80 12.43
CA GLU A 109 2.64 8.97 11.61
C GLU A 109 3.67 9.99 12.12
N ILE A 110 4.31 10.73 11.19
CA ILE A 110 5.23 11.81 11.56
C ILE A 110 4.45 13.09 11.66
N LYS A 111 4.63 13.79 12.76
CA LYS A 111 3.93 15.03 12.94
C LYS A 111 4.89 16.09 12.46
N ARG A 112 4.44 17.03 11.63
CA ARG A 112 5.31 18.07 11.07
C ARG A 112 4.48 19.33 11.00
N ALA A 113 5.06 20.47 10.61
CA ALA A 113 4.28 21.72 10.49
C ALA A 113 3.21 21.64 9.38
N ASP A 114 2.16 22.43 9.53
CA ASP A 114 1.11 22.50 8.55
C ASP A 114 1.65 23.00 7.23
N ALA A 115 1.00 22.48 6.18
CA ALA A 115 1.35 22.73 4.82
C ALA A 115 0.05 22.72 4.03
N ALA A 116 -0.21 23.81 3.33
CA ALA A 116 -1.36 23.92 2.43
C ALA A 116 -1.15 23.08 1.16
N PRO A 117 -2.23 22.50 0.60
CA PRO A 117 -2.09 21.78 -0.69
C PRO A 117 -1.82 22.69 -1.89
N THR A 118 -1.12 22.15 -2.88
CA THR A 118 -1.08 22.78 -4.20
C THR A 118 -2.09 22.03 -5.05
N VAL A 119 -3.09 22.78 -5.53
CA VAL A 119 -4.25 22.21 -6.19
C VAL A 119 -4.13 22.46 -7.68
N SER A 120 -4.34 21.41 -8.45
CA SER A 120 -4.38 21.45 -9.90
C SER A 120 -5.66 20.79 -10.36
N ILE A 121 -6.33 21.37 -11.36
CA ILE A 121 -7.53 20.83 -11.89
C ILE A 121 -7.33 20.56 -13.38
N PHE A 122 -8.01 19.54 -13.90
CA PHE A 122 -7.81 19.09 -15.27
C PHE A 122 -9.16 18.68 -15.79
N PRO A 123 -9.53 19.20 -16.97
CA PRO A 123 -10.74 18.81 -17.67
C PRO A 123 -10.56 17.41 -18.21
N PRO A 124 -11.67 16.78 -18.63
CA PRO A 124 -11.62 15.52 -19.34
C PRO A 124 -10.78 15.72 -20.60
N SER A 125 -9.94 14.73 -20.89
CA SER A 125 -9.16 14.68 -22.11
C SER A 125 -10.07 14.41 -23.29
N SER A 126 -9.69 14.91 -24.46
CA SER A 126 -10.49 14.68 -25.66
C SER A 126 -10.52 13.19 -25.98
N GLU A 127 -9.47 12.49 -25.59
CA GLU A 127 -9.47 11.05 -25.68
C GLU A 127 -10.64 10.44 -24.94
N GLN A 128 -10.80 10.77 -23.67
CA GLN A 128 -11.88 10.18 -22.89
C GLN A 128 -13.24 10.58 -23.43
N LEU A 129 -13.34 11.82 -23.91
CA LEU A 129 -14.59 12.32 -24.43
C LEU A 129 -15.05 11.51 -25.65
N THR A 130 -14.10 10.98 -26.39
CA THR A 130 -14.41 10.18 -27.57
C THR A 130 -15.08 8.85 -27.17
N SER A 131 -14.67 8.32 -26.01
CA SER A 131 -15.31 7.14 -25.42
C SER A 131 -16.72 7.38 -24.92
N GLY A 132 -17.16 8.63 -24.81
CA GLY A 132 -18.43 8.91 -24.12
C GLY A 132 -18.38 9.00 -22.59
N GLY A 133 -17.18 8.92 -22.00
CA GLY A 133 -17.00 9.21 -20.58
C GLY A 133 -16.42 10.60 -20.32
N ALA A 134 -16.30 11.02 -19.05
CA ALA A 134 -15.81 12.37 -18.71
C ALA A 134 -15.42 12.50 -17.22
N SER A 135 -14.15 12.42 -16.93
CA SER A 135 -13.71 12.51 -15.55
C SER A 135 -13.05 13.87 -15.35
N VAL A 136 -13.44 14.58 -14.31
CA VAL A 136 -12.70 15.77 -13.96
C VAL A 136 -11.82 15.43 -12.75
N VAL A 137 -10.58 15.84 -12.82
CA VAL A 137 -9.59 15.43 -11.81
C VAL A 137 -8.96 16.62 -11.14
N CYS A 138 -8.78 16.46 -9.86
CA CYS A 138 -8.17 17.48 -9.07
C CYS A 138 -7.08 16.85 -8.20
N PHE A 139 -5.82 17.29 -8.40
CA PHE A 139 -4.69 16.86 -7.54
C PHE A 139 -4.48 17.82 -6.40
N LEU A 140 -4.44 17.28 -5.20
CA LEU A 140 -4.10 18.07 -4.04
C LEU A 140 -2.78 17.54 -3.47
N ASN A 141 -1.74 18.35 -3.61
CA ASN A 141 -0.39 17.87 -3.46
C ASN A 141 0.37 18.47 -2.27
N ASN A 142 1.09 17.59 -1.56
CA ASN A 142 2.01 17.97 -0.48
C ASN A 142 1.42 18.74 0.68
N PHE A 143 0.37 18.19 1.30
CA PHE A 143 -0.23 18.88 2.42
C PHE A 143 -0.08 18.12 3.76
N TYR A 144 -0.37 18.83 4.84
CA TYR A 144 -0.34 18.22 6.16
C TYR A 144 -1.18 19.13 7.05
N PRO A 145 -2.05 18.55 7.92
CA PRO A 145 -2.31 17.13 8.19
C PRO A 145 -3.12 16.46 7.09
N LYS A 146 -3.38 15.17 7.28
CA LYS A 146 -3.93 14.29 6.27
C LYS A 146 -5.37 14.66 5.97
N ASP A 147 -6.03 15.19 6.99
CA ASP A 147 -7.41 15.56 6.93
C ASP A 147 -7.71 16.74 6.00
N ILE A 148 -8.50 16.50 4.96
CA ILE A 148 -8.86 17.51 3.97
C ILE A 148 -10.25 17.20 3.37
N ASN A 149 -11.06 18.20 3.12
CA ASN A 149 -12.33 17.95 2.40
C ASN A 149 -12.21 18.51 1.00
N VAL A 150 -12.65 17.75 -0.01
CA VAL A 150 -12.78 18.31 -1.36
C VAL A 150 -14.26 18.42 -1.66
N LYS A 151 -14.64 19.58 -2.16
CA LYS A 151 -16.01 19.84 -2.56
C LYS A 151 -16.00 20.07 -4.08
N TRP A 152 -16.81 19.34 -4.82
CA TRP A 152 -16.95 19.56 -6.27
C TRP A 152 -18.18 20.41 -6.56
N LYS A 153 -18.01 21.47 -7.37
CA LYS A 153 -19.16 22.31 -7.79
C LYS A 153 -19.25 22.40 -9.30
N ILE A 154 -20.46 22.23 -9.79
CA ILE A 154 -20.78 22.32 -11.20
C ILE A 154 -21.77 23.45 -11.34
N ASP A 155 -21.39 24.47 -12.10
CA ASP A 155 -22.15 25.76 -12.17
C ASP A 155 -22.67 26.24 -10.78
N GLY A 156 -21.82 26.06 -9.76
CA GLY A 156 -22.16 26.51 -8.40
C GLY A 156 -23.07 25.61 -7.57
N SER A 157 -23.69 24.61 -8.17
CA SER A 157 -24.32 23.62 -7.32
C SER A 157 -23.30 22.50 -7.04
N GLU A 158 -23.29 22.01 -5.82
CA GLU A 158 -22.34 21.00 -5.36
C GLU A 158 -22.70 19.61 -5.88
N ARG A 159 -21.72 18.85 -6.38
CA ARG A 159 -22.02 17.44 -6.72
C ARG A 159 -21.38 16.43 -5.78
N GLN A 160 -22.24 15.58 -5.22
CA GLN A 160 -21.99 14.16 -4.96
C GLN A 160 -23.20 13.40 -5.63
N ASN A 161 -23.02 12.17 -6.11
CA ASN A 161 -21.79 11.39 -6.05
C ASN A 161 -21.08 11.25 -7.41
N GLY A 162 -20.42 10.11 -7.64
CA GLY A 162 -19.43 9.99 -8.70
C GLY A 162 -18.07 10.56 -8.34
N VAL A 163 -17.75 10.66 -7.04
CA VAL A 163 -16.48 11.25 -6.61
C VAL A 163 -15.56 10.22 -5.95
N LEU A 164 -14.34 10.04 -6.46
CA LEU A 164 -13.41 9.12 -5.84
C LEU A 164 -12.22 9.86 -5.30
N ASN A 165 -12.04 9.76 -3.98
CA ASN A 165 -10.86 10.37 -3.35
C ASN A 165 -9.87 9.30 -2.94
N SER A 166 -8.57 9.60 -3.10
CA SER A 166 -7.55 8.61 -2.86
C SER A 166 -6.30 9.32 -2.38
N TRP A 167 -5.80 8.95 -1.20
CA TRP A 167 -4.63 9.62 -0.60
C TRP A 167 -3.38 8.78 -0.81
N THR A 168 -2.21 9.41 -0.95
CA THR A 168 -0.96 8.68 -0.84
C THR A 168 -0.74 8.38 0.65
N ASP A 169 0.17 7.44 0.94
CA ASP A 169 0.68 7.27 2.29
C ASP A 169 1.57 8.46 2.57
N GLN A 170 1.89 8.70 3.82
CA GLN A 170 2.70 9.85 4.19
C GLN A 170 4.09 9.70 3.57
N ASP A 171 4.54 10.74 2.88
CA ASP A 171 5.88 10.77 2.30
C ASP A 171 6.98 10.54 3.33
N SER A 172 7.91 9.65 2.99
CA SER A 172 8.88 9.19 3.96
C SER A 172 10.07 10.18 4.01
N LYS A 173 10.07 11.13 3.08
CA LYS A 173 11.06 12.18 3.08
C LYS A 173 10.56 13.50 3.63
N ASP A 174 9.44 14.02 3.12
CA ASP A 174 8.89 15.30 3.61
C ASP A 174 7.66 15.17 4.48
N SER A 175 7.16 13.96 4.71
CA SER A 175 6.13 13.75 5.73
C SER A 175 4.78 14.38 5.37
N THR A 176 4.62 14.75 4.12
CA THR A 176 3.35 15.28 3.67
C THR A 176 2.50 14.19 3.02
N TYR A 177 1.24 14.55 2.72
CA TYR A 177 0.34 13.70 1.95
C TYR A 177 -0.07 14.40 0.69
N SER A 178 -0.43 13.57 -0.30
CA SER A 178 -1.17 14.06 -1.46
C SER A 178 -2.49 13.27 -1.61
N MET A 179 -3.42 13.94 -2.30
CA MET A 179 -4.73 13.41 -2.61
C MET A 179 -5.11 13.67 -4.08
N SER A 180 -5.81 12.72 -4.67
CA SER A 180 -6.51 13.02 -5.92
C SER A 180 -8.02 12.82 -5.75
N SER A 181 -8.76 13.74 -6.33
CA SER A 181 -10.19 13.67 -6.31
C SER A 181 -10.71 13.68 -7.75
N THR A 182 -11.46 12.65 -8.13
CA THR A 182 -12.03 12.45 -9.47
C THR A 182 -13.55 12.46 -9.47
N LEU A 183 -14.12 13.40 -10.19
CA LEU A 183 -15.51 13.43 -10.43
C LEU A 183 -15.78 12.84 -11.81
N THR A 184 -16.56 11.75 -11.85
CA THR A 184 -16.88 11.12 -13.08
C THR A 184 -18.32 11.37 -13.51
N LEU A 185 -18.45 11.88 -14.73
CA LEU A 185 -19.73 12.13 -15.35
C LEU A 185 -19.82 11.41 -16.67
N THR A 186 -21.02 11.44 -17.26
CA THR A 186 -21.19 11.07 -18.64
C THR A 186 -20.74 12.24 -19.52
N LYS A 187 -20.30 11.92 -20.73
CA LYS A 187 -19.98 12.96 -21.72
C LYS A 187 -21.11 13.96 -21.90
N ASP A 188 -22.35 13.47 -21.96
CA ASP A 188 -23.52 14.32 -22.10
C ASP A 188 -23.80 15.23 -20.91
N GLU A 189 -23.72 14.71 -19.69
CA GLU A 189 -23.87 15.58 -18.50
C GLU A 189 -22.71 16.60 -18.47
N TYR A 190 -21.49 16.14 -18.68
CA TYR A 190 -20.37 17.04 -18.79
C TYR A 190 -20.63 18.21 -19.76
N GLU A 191 -20.99 17.91 -20.99
CA GLU A 191 -21.22 18.93 -22.00
C GLU A 191 -22.42 19.83 -21.75
N ARG A 192 -23.22 19.53 -20.74
CA ARG A 192 -24.45 20.27 -20.46
C ARG A 192 -24.18 21.48 -19.59
N HIS A 193 -23.09 21.46 -18.83
CA HIS A 193 -22.80 22.53 -17.91
C HIS A 193 -21.45 23.12 -18.33
N ASN A 194 -21.13 24.29 -17.81
CA ASN A 194 -19.96 25.00 -18.22
C ASN A 194 -18.84 25.08 -17.17
N SER A 195 -19.22 25.43 -15.95
CA SER A 195 -18.22 25.72 -14.93
C SER A 195 -17.94 24.58 -13.92
N TYR A 196 -16.69 24.16 -13.76
CA TYR A 196 -16.33 23.07 -12.87
C TYR A 196 -15.31 23.54 -11.88
N THR A 197 -15.52 23.23 -10.59
CA THR A 197 -14.69 23.71 -9.49
C THR A 197 -14.38 22.60 -8.49
N CYS A 198 -13.14 22.59 -8.00
CA CYS A 198 -12.68 21.67 -6.99
C CYS A 198 -12.28 22.64 -5.86
N GLU A 199 -12.88 22.49 -4.70
CA GLU A 199 -12.59 23.35 -3.54
C GLU A 199 -11.96 22.51 -2.44
N ALA A 200 -10.77 22.89 -2.00
CA ALA A 200 -10.06 22.15 -0.96
C ALA A 200 -10.13 22.93 0.33
N THR A 201 -10.67 22.29 1.37
CA THR A 201 -10.75 22.84 2.73
C THR A 201 -9.90 22.02 3.68
N HIS A 202 -9.00 22.72 4.37
CA HIS A 202 -7.89 22.16 5.13
C HIS A 202 -7.64 23.07 6.30
N LYS A 203 -6.99 22.61 7.36
CA LYS A 203 -6.91 23.53 8.53
C LYS A 203 -5.96 24.74 8.36
N THR A 204 -5.04 24.66 7.39
CA THR A 204 -4.14 25.79 7.07
C THR A 204 -4.89 27.11 6.80
N SER A 205 -6.10 27.03 6.24
CA SER A 205 -6.89 28.24 6.01
C SER A 205 -8.37 28.16 6.40
N THR A 206 -8.87 29.22 7.01
CA THR A 206 -10.29 29.39 7.19
C THR A 206 -10.93 29.50 5.80
N SER A 207 -10.09 29.53 4.77
CA SER A 207 -10.52 29.83 3.42
C SER A 207 -10.25 28.69 2.46
N PRO A 208 -11.30 28.14 1.84
CA PRO A 208 -11.11 27.06 0.85
C PRO A 208 -10.08 27.44 -0.24
N ILE A 209 -9.30 26.51 -0.74
CA ILE A 209 -8.49 26.78 -1.92
C ILE A 209 -9.31 26.32 -3.11
N VAL A 210 -9.54 27.21 -4.08
CA VAL A 210 -10.41 26.94 -5.22
C VAL A 210 -9.61 26.82 -6.52
N LYS A 211 -9.89 25.80 -7.32
CA LYS A 211 -9.45 25.81 -8.70
C LYS A 211 -10.64 25.54 -9.59
N SER A 212 -10.69 26.26 -10.72
CA SER A 212 -11.85 26.24 -11.63
C SER A 212 -11.50 26.21 -13.08
N PHE A 213 -12.39 25.74 -13.92
CA PHE A 213 -12.27 25.99 -15.33
C PHE A 213 -13.67 26.11 -15.92
N ASN A 214 -13.75 26.72 -17.10
CA ASN A 214 -14.98 26.83 -17.89
C ASN A 214 -14.87 26.07 -19.18
N ARG A 215 -15.72 25.05 -19.32
CA ARG A 215 -15.64 24.07 -20.40
C ARG A 215 -15.53 24.78 -21.75
N ASN A 216 -16.25 25.89 -21.89
CA ASN A 216 -16.22 26.58 -23.17
C ASN A 216 -14.97 27.44 -23.41
N GLU A 217 -13.95 27.25 -22.59
CA GLU A 217 -12.63 27.83 -22.83
C GLU A 217 -11.61 27.07 -22.00
N GLU B 1 22.61 -12.41 -0.08
CA GLU B 1 21.78 -12.36 1.16
C GLU B 1 20.68 -13.43 1.08
N VAL B 2 20.08 -13.74 2.23
CA VAL B 2 18.93 -14.62 2.27
C VAL B 2 17.80 -13.94 1.53
N GLN B 3 17.26 -14.58 0.49
CA GLN B 3 16.07 -14.07 -0.17
C GLN B 3 14.97 -15.10 -0.25
N LEU B 4 13.73 -14.63 -0.14
CA LEU B 4 12.61 -15.47 -0.44
C LEU B 4 11.76 -14.82 -1.53
N GLN B 5 11.87 -15.30 -2.76
CA GLN B 5 11.17 -14.72 -3.87
C GLN B 5 9.83 -15.44 -4.05
N GLN B 6 8.73 -14.70 -4.01
CA GLN B 6 7.40 -15.35 -4.10
C GLN B 6 6.80 -15.21 -5.49
N SER B 7 5.96 -16.15 -5.87
CA SER B 7 5.25 -16.05 -7.15
C SER B 7 4.36 -14.76 -7.26
N GLY B 8 4.06 -14.35 -8.50
CA GLY B 8 3.33 -13.10 -8.77
C GLY B 8 1.84 -13.16 -8.51
N PRO B 9 1.14 -12.04 -8.77
CA PRO B 9 -0.24 -11.89 -8.29
C PRO B 9 -1.16 -12.87 -8.95
N GLU B 10 -2.18 -13.34 -8.25
CA GLU B 10 -3.04 -14.37 -8.81
C GLU B 10 -4.53 -13.99 -8.75
N LEU B 11 -5.22 -14.17 -9.87
CA LEU B 11 -6.65 -13.91 -9.89
C LEU B 11 -7.34 -15.25 -10.02
N VAL B 12 -8.31 -15.50 -9.14
CA VAL B 12 -8.94 -16.83 -9.04
C VAL B 12 -10.44 -16.67 -8.82
N LYS B 13 -11.24 -17.51 -9.48
CA LYS B 13 -12.68 -17.43 -9.31
C LYS B 13 -13.05 -18.03 -7.98
N PRO B 14 -14.15 -17.55 -7.38
CA PRO B 14 -14.74 -18.12 -6.15
C PRO B 14 -14.99 -19.64 -6.23
N GLY B 15 -14.49 -20.38 -5.24
CA GLY B 15 -14.60 -21.82 -5.20
C GLY B 15 -13.41 -22.55 -5.82
N ALA B 16 -12.62 -21.86 -6.64
CA ALA B 16 -11.43 -22.45 -7.29
C ALA B 16 -10.23 -22.59 -6.32
N SER B 17 -9.10 -23.10 -6.80
CA SER B 17 -7.89 -23.17 -5.98
C SER B 17 -6.80 -22.28 -6.54
N VAL B 18 -5.78 -22.03 -5.73
CA VAL B 18 -4.57 -21.36 -6.19
C VAL B 18 -3.40 -22.01 -5.49
N LYS B 19 -2.30 -22.12 -6.19
CA LYS B 19 -1.10 -22.63 -5.59
C LYS B 19 0.00 -21.64 -5.83
N MET B 20 0.72 -21.29 -4.80
CA MET B 20 1.74 -20.26 -4.93
C MET B 20 3.10 -20.73 -4.40
N SER B 21 4.17 -20.11 -4.86
CA SER B 21 5.51 -20.56 -4.51
C SER B 21 6.40 -19.49 -3.87
N CYS B 22 7.48 -19.97 -3.26
CA CYS B 22 8.40 -19.18 -2.46
C CYS B 22 9.74 -19.85 -2.67
N LYS B 23 10.60 -19.23 -3.48
CA LYS B 23 11.96 -19.72 -3.76
C LYS B 23 13.01 -19.13 -2.81
N ALA B 24 13.73 -19.99 -2.10
CA ALA B 24 14.77 -19.54 -1.16
C ALA B 24 16.11 -19.39 -1.88
N SER B 25 16.93 -18.43 -1.47
CA SER B 25 18.32 -18.39 -1.91
C SER B 25 19.18 -17.82 -0.81
N GLY B 26 20.49 -17.90 -0.98
CA GLY B 26 21.45 -17.37 -0.02
C GLY B 26 21.57 -18.18 1.25
N TYR B 27 20.91 -19.34 1.33
CA TYR B 27 21.06 -20.25 2.50
C TYR B 27 20.66 -21.70 2.15
N THR B 28 20.78 -22.62 3.11
CA THR B 28 20.36 -24.01 2.83
C THR B 28 18.88 -24.20 3.12
N PHE B 29 18.11 -24.29 2.05
CA PHE B 29 16.66 -24.48 2.11
C PHE B 29 16.23 -25.56 3.09
N THR B 30 16.90 -26.71 3.02
CA THR B 30 16.54 -27.86 3.83
C THR B 30 16.83 -27.66 5.34
N ASP B 31 17.56 -26.61 5.69
CA ASP B 31 18.01 -26.38 7.07
C ASP B 31 17.01 -25.64 7.98
N TYR B 32 15.93 -25.08 7.40
CA TYR B 32 15.05 -24.15 8.14
C TYR B 32 13.60 -24.47 7.95
N TYR B 33 12.81 -24.24 8.99
CA TYR B 33 11.37 -24.32 8.85
C TYR B 33 10.89 -23.15 8.01
N MET B 34 9.85 -23.41 7.25
CA MET B 34 9.25 -22.36 6.47
C MET B 34 7.79 -22.18 6.92
N HIS B 35 7.46 -20.95 7.30
CA HIS B 35 6.13 -20.60 7.76
C HIS B 35 5.41 -19.74 6.77
N TRP B 36 4.09 -19.75 6.82
CA TRP B 36 3.27 -18.86 5.95
C TRP B 36 2.30 -18.07 6.78
N VAL B 37 1.95 -16.88 6.28
CA VAL B 37 1.25 -15.87 7.05
C VAL B 37 0.33 -15.13 6.08
N LYS B 38 -0.93 -14.92 6.48
CA LYS B 38 -1.91 -14.19 5.70
C LYS B 38 -2.06 -12.74 6.18
N GLN B 39 -2.09 -11.80 5.24
CA GLN B 39 -2.37 -10.46 5.63
C GLN B 39 -3.54 -9.91 4.85
N SER B 40 -4.62 -9.63 5.53
CA SER B 40 -5.77 -9.17 4.76
C SER B 40 -5.87 -7.66 4.86
N HIS B 41 -6.14 -7.05 3.68
CA HIS B 41 -5.86 -5.66 3.32
C HIS B 41 -6.27 -4.63 4.36
N GLY B 42 -5.28 -3.83 4.80
CA GLY B 42 -3.84 -4.21 4.67
C GLY B 42 -3.29 -4.33 6.11
N LYS B 43 -4.01 -5.10 6.92
CA LYS B 43 -4.06 -4.86 8.33
C LYS B 43 -3.56 -6.06 9.09
N SER B 44 -4.46 -6.99 9.34
CA SER B 44 -4.22 -8.01 10.32
C SER B 44 -3.35 -9.14 9.70
N LEU B 45 -2.38 -9.62 10.45
CA LEU B 45 -1.55 -10.73 10.08
C LEU B 45 -2.05 -11.93 10.86
N GLU B 46 -2.19 -13.06 10.16
CA GLU B 46 -2.60 -14.33 10.74
C GLU B 46 -1.63 -15.43 10.33
N TRP B 47 -1.17 -16.20 11.31
CA TRP B 47 -0.26 -17.31 11.03
C TRP B 47 -1.02 -18.53 10.43
N ILE B 48 -0.59 -19.06 9.29
CA ILE B 48 -1.30 -20.18 8.62
C ILE B 48 -0.77 -21.56 9.07
N GLY B 49 0.54 -21.76 9.10
CA GLY B 49 1.10 -23.09 9.31
C GLY B 49 2.58 -23.07 8.99
N TYR B 50 3.24 -24.20 9.11
CA TYR B 50 4.70 -24.28 8.91
C TYR B 50 5.03 -25.64 8.23
N ILE B 51 6.21 -25.75 7.62
CA ILE B 51 6.67 -27.01 7.06
C ILE B 51 8.17 -27.10 7.21
N TYR B 52 8.67 -28.26 7.62
CA TYR B 52 10.10 -28.56 7.58
C TYR B 52 10.46 -29.24 6.24
N PRO B 53 11.36 -28.63 5.44
CA PRO B 53 11.65 -29.09 4.06
C PRO B 53 12.33 -30.42 4.07
N ASN B 54 13.62 -30.41 4.40
CA ASN B 54 14.44 -31.61 4.39
C ASN B 54 13.63 -32.86 4.67
N ASN B 55 12.89 -32.83 5.79
CA ASN B 55 12.46 -34.02 6.49
C ASN B 55 11.14 -34.64 5.96
N GLY B 56 9.99 -34.10 6.35
CA GLY B 56 9.88 -33.14 7.44
C GLY B 56 8.72 -33.49 8.33
N GLY B 57 8.09 -32.44 8.87
CA GLY B 57 6.72 -32.46 9.38
C GLY B 57 6.10 -31.11 9.01
N ASN B 58 4.76 -31.04 9.05
CA ASN B 58 4.01 -29.79 8.86
C ASN B 58 2.88 -29.67 9.88
N GLY B 59 2.37 -28.46 10.06
CA GLY B 59 1.29 -28.19 11.03
C GLY B 59 0.61 -26.88 10.61
N TYR B 60 -0.60 -26.68 11.14
CA TYR B 60 -1.48 -25.63 10.68
C TYR B 60 -2.15 -24.98 11.86
N ASN B 61 -2.38 -23.67 11.76
CA ASN B 61 -3.50 -23.01 12.44
C ASN B 61 -4.84 -23.74 12.17
N GLN B 62 -5.54 -24.09 13.23
CA GLN B 62 -6.85 -24.71 13.07
C GLN B 62 -7.74 -23.92 12.08
N LYS B 63 -7.67 -22.59 12.15
CA LYS B 63 -8.40 -21.69 11.24
C LYS B 63 -8.04 -21.96 9.79
N PHE B 64 -6.90 -22.58 9.54
CA PHE B 64 -6.55 -22.81 8.14
C PHE B 64 -6.50 -24.25 7.69
N LYS B 65 -6.99 -25.17 8.54
CA LYS B 65 -6.91 -26.59 8.19
C LYS B 65 -7.59 -27.04 6.89
N GLY B 66 -8.85 -26.70 6.68
CA GLY B 66 -9.53 -27.19 5.47
C GLY B 66 -8.96 -26.50 4.23
N LYS B 67 -8.26 -25.42 4.50
CA LYS B 67 -8.11 -24.32 3.56
C LYS B 67 -6.75 -24.32 2.88
N ALA B 68 -5.68 -24.55 3.66
CA ALA B 68 -4.33 -24.44 3.17
C ALA B 68 -3.57 -25.75 3.19
N THR B 69 -2.60 -25.88 2.28
CA THR B 69 -1.74 -27.06 2.20
C THR B 69 -0.31 -26.64 1.88
N LEU B 70 0.66 -27.15 2.62
CA LEU B 70 2.05 -26.72 2.43
C LEU B 70 2.87 -27.85 1.92
N THR B 71 3.69 -27.57 0.91
CA THR B 71 4.57 -28.59 0.35
C THR B 71 5.91 -27.96 0.06
N VAL B 72 6.85 -28.78 -0.38
CA VAL B 72 8.16 -28.25 -0.72
C VAL B 72 8.67 -28.98 -1.92
N ASP B 73 9.60 -28.34 -2.62
CA ASP B 73 10.41 -28.99 -3.59
C ASP B 73 11.85 -28.65 -3.18
N LYS B 74 12.47 -29.65 -2.57
CA LYS B 74 13.82 -29.53 -2.03
C LYS B 74 14.89 -29.35 -3.10
N SER B 75 14.74 -30.07 -4.21
CA SER B 75 15.68 -30.03 -5.33
C SER B 75 15.85 -28.57 -5.78
N SER B 76 14.72 -27.84 -5.77
CA SER B 76 14.69 -26.47 -6.28
C SER B 76 14.42 -25.44 -5.18
N SER B 77 14.82 -25.73 -3.94
CA SER B 77 14.64 -24.82 -2.80
C SER B 77 13.38 -23.98 -2.88
N THR B 78 12.27 -24.62 -3.26
CA THR B 78 11.01 -23.91 -3.34
C THR B 78 9.96 -24.52 -2.42
N ALA B 79 9.38 -23.66 -1.57
CA ALA B 79 8.22 -23.98 -0.75
C ALA B 79 6.93 -23.53 -1.44
N TYR B 80 5.85 -24.24 -1.14
CA TYR B 80 4.58 -24.04 -1.82
C TYR B 80 3.43 -23.96 -0.84
N MET B 81 2.48 -23.09 -1.15
CA MET B 81 1.17 -23.13 -0.49
C MET B 81 0.05 -23.15 -1.51
N GLU B 82 -0.92 -24.02 -1.26
CA GLU B 82 -2.12 -24.11 -2.04
C GLU B 82 -3.34 -23.81 -1.18
N LEU B 83 -4.24 -22.98 -1.71
CA LEU B 83 -5.47 -22.58 -1.01
C LEU B 83 -6.65 -23.10 -1.82
N ARG B 84 -7.61 -23.74 -1.16
CA ARG B 84 -8.73 -24.34 -1.88
C ARG B 84 -10.03 -23.65 -1.48
N SER B 85 -11.09 -23.88 -2.29
CA SER B 85 -12.46 -23.34 -2.12
C SER B 85 -12.44 -21.87 -1.74
N LEU B 86 -11.85 -21.07 -2.61
CA LEU B 86 -11.58 -19.68 -2.34
C LEU B 86 -12.82 -18.82 -2.27
N THR B 87 -12.87 -17.94 -1.26
CA THR B 87 -13.93 -16.93 -1.18
C THR B 87 -13.26 -15.56 -1.20
N SER B 88 -14.04 -14.48 -1.23
CA SER B 88 -13.49 -13.12 -1.21
C SER B 88 -12.78 -12.84 0.10
N ASP B 89 -13.20 -13.53 1.15
CA ASP B 89 -12.46 -13.69 2.36
C ASP B 89 -10.98 -14.08 2.20
N ASP B 90 -10.62 -14.80 1.13
CA ASP B 90 -9.24 -15.22 0.94
C ASP B 90 -8.42 -14.25 0.07
N SER B 91 -9.08 -13.21 -0.45
CA SER B 91 -8.39 -12.13 -1.16
C SER B 91 -7.50 -11.46 -0.12
N ALA B 92 -6.19 -11.45 -0.34
CA ALA B 92 -5.22 -11.06 0.69
C ALA B 92 -3.80 -11.11 0.16
N VAL B 93 -2.84 -10.68 0.97
CA VAL B 93 -1.44 -10.89 0.66
C VAL B 93 -0.98 -12.06 1.53
N TYR B 94 -0.29 -13.00 0.89
CA TYR B 94 0.30 -14.18 1.55
C TYR B 94 1.81 -14.05 1.54
N TYR B 95 2.44 -14.24 2.70
CA TYR B 95 3.88 -14.20 2.85
C TYR B 95 4.40 -15.57 3.29
N CYS B 96 5.58 -15.97 2.83
CA CYS B 96 6.29 -17.08 3.44
C CYS B 96 7.30 -16.35 4.32
N ALA B 97 7.81 -17.04 5.33
CA ALA B 97 8.83 -16.48 6.22
C ALA B 97 9.72 -17.59 6.75
N ARG B 98 11.02 -17.34 6.82
CA ARG B 98 11.93 -18.30 7.46
C ARG B 98 11.86 -18.17 8.96
N ARG B 99 11.81 -19.31 9.64
CA ARG B 99 11.97 -19.26 11.07
C ARG B 99 13.43 -19.27 11.52
N GLY B 100 13.84 -18.29 12.32
CA GLY B 100 15.20 -18.29 12.86
C GLY B 100 15.24 -18.79 14.31
N GLY B 101 16.29 -18.42 15.05
CA GLY B 101 16.40 -18.76 16.47
C GLY B 101 16.75 -20.22 16.67
N TYR B 102 16.80 -20.65 17.93
CA TYR B 102 17.32 -22.00 18.26
C TYR B 102 16.23 -23.08 18.33
N GLY B 103 14.97 -22.66 18.32
CA GLY B 103 13.87 -23.55 18.67
C GLY B 103 12.57 -23.36 17.91
N ILE B 104 11.66 -24.28 18.16
CA ILE B 104 10.28 -24.31 17.69
C ILE B 104 9.61 -22.93 17.85
N ARG B 105 10.02 -22.22 18.90
CA ARG B 105 9.43 -20.93 19.27
C ARG B 105 10.17 -19.76 18.62
N GLY B 106 10.98 -20.04 17.60
CA GLY B 106 11.73 -18.97 16.96
C GLY B 106 10.88 -17.88 16.32
N TYR B 107 11.47 -16.69 16.20
CA TYR B 107 10.93 -15.59 15.41
C TYR B 107 11.11 -15.78 13.93
N PHE B 108 10.52 -14.88 13.16
CA PHE B 108 10.70 -14.91 11.70
C PHE B 108 11.78 -13.91 11.31
N ASP B 109 12.87 -14.39 10.71
CA ASP B 109 14.01 -13.50 10.46
C ASP B 109 14.04 -12.97 9.05
N VAL B 110 13.46 -13.68 8.10
CA VAL B 110 13.29 -13.15 6.75
C VAL B 110 11.83 -13.38 6.29
N TRP B 111 11.25 -12.38 5.61
CA TRP B 111 9.96 -12.54 4.96
C TRP B 111 10.07 -12.49 3.43
N GLY B 112 9.26 -13.30 2.75
CA GLY B 112 9.16 -13.29 1.28
C GLY B 112 8.46 -12.05 0.77
N THR B 113 8.35 -11.97 -0.54
CA THR B 113 8.10 -10.74 -1.25
C THR B 113 6.58 -10.51 -1.34
N GLY B 114 5.83 -11.53 -0.93
CA GLY B 114 4.37 -11.45 -0.82
C GLY B 114 3.69 -11.85 -2.11
N THR B 115 2.66 -12.70 -2.02
CA THR B 115 1.82 -12.98 -3.16
C THR B 115 0.38 -12.43 -2.96
N THR B 116 -0.07 -11.59 -3.88
CA THR B 116 -1.43 -11.03 -3.77
C THR B 116 -2.47 -11.92 -4.50
N VAL B 117 -3.49 -12.36 -3.75
CA VAL B 117 -4.59 -13.10 -4.31
C VAL B 117 -5.90 -12.30 -4.37
N THR B 118 -6.46 -12.16 -5.56
CA THR B 118 -7.81 -11.63 -5.72
C THR B 118 -8.79 -12.77 -6.07
N VAL B 119 -9.87 -12.84 -5.31
CA VAL B 119 -10.88 -13.85 -5.53
C VAL B 119 -12.10 -13.13 -6.04
N SER B 120 -12.41 -13.32 -7.32
CA SER B 120 -13.48 -12.57 -7.96
C SER B 120 -14.00 -13.27 -9.21
N SER B 121 -15.16 -12.83 -9.69
CA SER B 121 -15.70 -13.31 -10.98
C SER B 121 -15.39 -12.35 -12.11
N ALA B 122 -15.15 -11.09 -11.76
CA ALA B 122 -14.87 -10.05 -12.75
C ALA B 122 -13.71 -10.39 -13.68
N LYS B 123 -13.87 -10.07 -14.95
CA LYS B 123 -12.96 -10.48 -16.00
C LYS B 123 -11.80 -9.52 -16.15
N THR B 124 -10.64 -10.08 -16.51
CA THR B 124 -9.44 -9.28 -16.76
C THR B 124 -9.75 -8.22 -17.83
N THR B 125 -9.62 -6.95 -17.44
CA THR B 125 -9.84 -5.81 -18.36
C THR B 125 -8.60 -4.90 -18.36
N PRO B 126 -8.11 -4.53 -19.56
CA PRO B 126 -7.04 -3.52 -19.66
C PRO B 126 -7.56 -2.09 -19.40
N PRO B 127 -6.66 -1.19 -18.94
CA PRO B 127 -7.03 0.18 -18.57
C PRO B 127 -7.04 1.13 -19.75
N SER B 128 -7.88 2.17 -19.66
CA SER B 128 -7.79 3.33 -20.54
C SER B 128 -6.91 4.37 -19.89
N VAL B 129 -6.02 4.95 -20.70
CA VAL B 129 -5.04 5.86 -20.13
C VAL B 129 -5.29 7.20 -20.75
N TYR B 130 -5.61 8.17 -19.92
CA TYR B 130 -5.89 9.51 -20.43
C TYR B 130 -4.90 10.51 -19.85
N PRO B 131 -4.43 11.45 -20.68
CA PRO B 131 -3.51 12.47 -20.18
C PRO B 131 -4.21 13.55 -19.34
N LEU B 132 -3.50 14.13 -18.38
CA LEU B 132 -3.94 15.23 -17.57
C LEU B 132 -2.87 16.35 -17.71
N ALA B 133 -3.13 17.32 -18.60
CA ALA B 133 -2.26 18.47 -18.79
C ALA B 133 -3.08 19.77 -18.75
N PRO B 134 -2.42 20.91 -18.47
CA PRO B 134 -3.12 22.18 -18.73
C PRO B 134 -3.47 22.20 -20.24
N GLY B 135 -4.67 22.59 -20.60
CA GLY B 135 -5.58 23.31 -19.72
C GLY B 135 -6.19 24.27 -20.68
N CYS B 136 -6.36 25.48 -20.23
CA CYS B 136 -7.30 26.31 -20.93
C CYS B 136 -6.54 27.51 -21.40
N GLY B 137 -5.48 27.29 -22.17
CA GLY B 137 -4.84 28.42 -22.85
C GLY B 137 -3.59 28.88 -22.14
N ASP B 138 -3.57 28.78 -20.80
CA ASP B 138 -2.42 29.26 -20.05
C ASP B 138 -1.89 28.23 -19.03
N THR B 139 -0.59 28.31 -18.74
CA THR B 139 -0.03 27.60 -17.61
C THR B 139 0.14 28.63 -16.50
N THR B 140 -0.03 28.15 -15.27
CA THR B 140 0.22 28.92 -14.04
C THR B 140 0.76 27.97 -12.94
N GLY B 141 1.45 28.44 -11.91
CA GLY B 141 2.43 29.49 -11.97
C GLY B 141 3.82 28.83 -12.14
N SER B 142 4.63 28.71 -11.07
CA SER B 142 6.08 28.43 -11.26
C SER B 142 6.44 26.93 -11.43
N SER B 143 5.50 26.05 -11.15
CA SER B 143 5.72 24.63 -11.30
C SER B 143 4.48 24.03 -11.99
N VAL B 144 4.64 23.00 -12.81
CA VAL B 144 3.48 22.45 -13.52
C VAL B 144 3.24 21.00 -13.24
N THR B 145 2.01 20.72 -12.79
CA THR B 145 1.62 19.39 -12.45
C THR B 145 0.98 18.74 -13.64
N SER B 146 1.51 17.59 -14.04
CA SER B 146 0.91 16.82 -15.11
C SER B 146 0.43 15.46 -14.55
N GLY B 147 -0.48 14.78 -15.25
CA GLY B 147 -0.85 13.47 -14.74
C GLY B 147 -1.32 12.52 -15.80
N CYS B 148 -1.50 11.25 -15.40
CA CYS B 148 -2.24 10.28 -16.22
C CYS B 148 -3.30 9.65 -15.33
N LEU B 149 -4.51 9.55 -15.86
CA LEU B 149 -5.63 8.84 -15.25
C LEU B 149 -5.72 7.48 -15.95
N VAL B 150 -5.62 6.43 -15.14
CA VAL B 150 -5.62 5.05 -15.58
C VAL B 150 -6.92 4.37 -15.11
N LYS B 151 -7.80 4.05 -16.04
CA LYS B 151 -9.20 3.86 -15.68
C LYS B 151 -9.81 2.59 -16.24
N GLY B 152 -10.66 1.92 -15.44
CA GLY B 152 -11.44 0.78 -15.95
C GLY B 152 -10.69 -0.53 -16.17
N TYR B 153 -9.72 -0.82 -15.31
CA TYR B 153 -8.95 -2.05 -15.50
C TYR B 153 -9.26 -3.04 -14.35
N PHE B 154 -9.00 -4.31 -14.62
CA PHE B 154 -9.15 -5.37 -13.65
C PHE B 154 -8.27 -6.53 -14.09
N PRO B 155 -7.51 -7.14 -13.16
CA PRO B 155 -7.44 -6.83 -11.76
C PRO B 155 -6.39 -5.75 -11.49
N GLU B 156 -6.00 -5.61 -10.23
CA GLU B 156 -4.84 -4.84 -9.82
C GLU B 156 -3.61 -5.75 -10.14
N PRO B 157 -2.42 -5.15 -10.43
CA PRO B 157 -2.16 -3.73 -10.36
C PRO B 157 -1.65 -3.17 -11.69
N VAL B 158 -1.30 -1.89 -11.66
CA VAL B 158 -0.61 -1.25 -12.79
C VAL B 158 0.63 -0.55 -12.27
N THR B 159 1.55 -0.28 -13.17
CA THR B 159 2.72 0.48 -12.80
C THR B 159 2.77 1.66 -13.75
N VAL B 160 2.92 2.85 -13.21
CA VAL B 160 3.04 4.03 -14.05
C VAL B 160 4.43 4.58 -13.89
N THR B 161 5.22 4.64 -14.95
CA THR B 161 6.49 5.36 -14.82
C THR B 161 6.55 6.57 -15.75
N TRP B 162 7.39 7.54 -15.40
CA TRP B 162 7.41 8.81 -16.11
C TRP B 162 8.76 9.03 -16.74
N ASN B 163 8.76 9.30 -18.05
CA ASN B 163 9.98 9.41 -18.89
C ASN B 163 10.96 8.26 -18.70
N SER B 164 10.42 7.05 -18.52
CA SER B 164 11.15 5.82 -18.21
C SER B 164 11.84 5.87 -16.85
N GLY B 165 11.25 6.61 -15.91
CA GLY B 165 11.88 6.84 -14.59
C GLY B 165 12.75 8.09 -14.39
N SER B 166 13.06 8.84 -15.47
CA SER B 166 13.73 10.16 -15.37
C SER B 166 13.07 11.17 -14.41
N LEU B 167 11.76 11.08 -14.27
CA LEU B 167 11.02 11.86 -13.30
C LEU B 167 10.57 10.88 -12.22
N SER B 168 10.78 11.29 -10.97
CA SER B 168 11.02 10.31 -9.91
C SER B 168 10.61 10.85 -8.58
N SER B 169 11.45 11.77 -8.10
CA SER B 169 11.27 12.53 -6.88
C SER B 169 9.92 13.27 -6.82
N SER B 170 9.46 13.81 -7.96
CA SER B 170 8.14 14.49 -7.99
C SER B 170 6.91 13.59 -8.15
N VAL B 171 7.07 12.28 -8.37
CA VAL B 171 5.90 11.41 -8.76
C VAL B 171 5.02 11.06 -7.59
N HIS B 172 3.71 11.27 -7.74
CA HIS B 172 2.72 10.74 -6.79
C HIS B 172 1.89 9.68 -7.41
N THR B 173 1.78 8.54 -6.74
CA THR B 173 1.00 7.44 -7.23
C THR B 173 -0.17 7.40 -6.28
N PHE B 174 -1.39 7.32 -6.82
CA PHE B 174 -2.57 7.36 -5.97
C PHE B 174 -3.15 6.00 -6.00
N PRO B 175 -3.37 5.41 -4.82
CA PRO B 175 -3.86 4.04 -4.79
C PRO B 175 -5.15 3.88 -5.56
N ALA B 176 -5.35 2.70 -6.16
CA ALA B 176 -6.51 2.34 -6.96
C ALA B 176 -7.76 2.17 -6.11
N LEU B 177 -8.89 2.65 -6.62
CA LEU B 177 -10.18 2.44 -6.01
C LEU B 177 -11.10 1.72 -6.97
N LEU B 178 -12.05 0.99 -6.41
CA LEU B 178 -12.89 0.12 -7.21
C LEU B 178 -14.22 0.85 -7.45
N GLN B 179 -14.49 1.29 -8.67
CA GLN B 179 -15.83 1.82 -9.03
C GLN B 179 -16.57 1.01 -10.13
N SER B 180 -17.81 0.62 -9.84
CA SER B 180 -18.57 -0.17 -10.80
C SER B 180 -17.83 -1.49 -11.07
N GLY B 181 -17.11 -1.99 -10.07
CA GLY B 181 -16.31 -3.20 -10.23
C GLY B 181 -15.11 -3.12 -11.19
N LEU B 182 -14.59 -1.93 -11.44
CA LEU B 182 -13.32 -1.80 -12.18
C LEU B 182 -12.41 -0.83 -11.44
N TYR B 183 -11.09 -0.94 -11.65
CA TYR B 183 -10.16 -0.09 -10.90
C TYR B 183 -9.85 1.22 -11.63
N THR B 184 -9.67 2.30 -10.85
CA THR B 184 -9.20 3.58 -11.34
C THR B 184 -8.06 4.07 -10.41
N MET B 185 -6.94 4.46 -10.98
CA MET B 185 -5.92 5.10 -10.18
C MET B 185 -5.42 6.26 -11.01
N SER B 186 -4.59 7.10 -10.40
CA SER B 186 -3.98 8.16 -11.15
C SER B 186 -2.57 8.32 -10.65
N SER B 187 -1.78 9.09 -11.40
CA SER B 187 -0.39 9.35 -11.04
C SER B 187 -0.07 10.76 -11.51
N SER B 188 0.55 11.53 -10.64
CA SER B 188 1.00 12.81 -11.08
C SER B 188 2.49 12.98 -10.98
N VAL B 189 3.02 13.89 -11.78
CA VAL B 189 4.42 14.33 -11.73
C VAL B 189 4.38 15.87 -11.79
N THR B 190 5.35 16.54 -11.19
CA THR B 190 5.45 17.99 -11.24
C THR B 190 6.81 18.40 -11.77
N VAL B 191 6.85 19.30 -12.76
CA VAL B 191 8.10 19.77 -13.34
C VAL B 191 8.15 21.32 -13.33
N PRO B 192 9.34 21.92 -13.48
CA PRO B 192 9.43 23.36 -13.61
C PRO B 192 8.74 23.92 -14.86
N SER B 193 8.00 25.01 -14.66
CA SER B 193 7.39 25.74 -15.77
C SER B 193 8.29 25.98 -16.94
N SER B 194 9.51 26.46 -16.66
CA SER B 194 10.45 26.80 -17.71
C SER B 194 10.80 25.65 -18.60
N THR B 195 10.29 24.48 -18.26
CA THR B 195 10.67 23.20 -18.88
C THR B 195 9.56 22.64 -19.75
N TRP B 196 8.35 23.07 -19.47
CA TRP B 196 7.20 22.52 -20.12
C TRP B 196 6.42 23.59 -20.88
N PRO B 197 5.92 23.27 -22.08
CA PRO B 197 5.95 21.97 -22.75
C PRO B 197 7.19 21.63 -23.57
N SER B 198 8.18 22.53 -23.68
CA SER B 198 9.31 22.26 -24.58
C SER B 198 9.89 20.87 -24.30
N GLN B 199 10.20 20.58 -23.03
CA GLN B 199 10.65 19.23 -22.65
C GLN B 199 9.46 18.29 -22.52
N THR B 200 9.41 17.32 -23.42
CA THR B 200 8.26 16.45 -23.51
C THR B 200 8.17 15.48 -22.30
N VAL B 201 6.95 15.09 -21.95
CA VAL B 201 6.67 14.26 -20.78
C VAL B 201 5.72 13.10 -21.15
N THR B 202 6.19 11.89 -20.85
CA THR B 202 5.47 10.65 -21.17
C THR B 202 5.27 9.78 -19.94
N CYS B 203 4.04 9.34 -19.69
CA CYS B 203 3.74 8.30 -18.74
C CYS B 203 3.50 6.94 -19.42
N SER B 204 4.24 5.92 -18.97
CA SER B 204 4.04 4.55 -19.46
C SER B 204 3.29 3.73 -18.44
N VAL B 205 2.22 3.09 -18.87
CA VAL B 205 1.35 2.36 -17.95
C VAL B 205 1.41 0.88 -18.30
N ALA B 206 1.71 0.06 -17.31
CA ALA B 206 1.84 -1.37 -17.51
C ALA B 206 0.75 -2.06 -16.72
N HIS B 207 0.02 -2.94 -17.41
CA HIS B 207 -0.93 -3.84 -16.77
C HIS B 207 -0.50 -5.26 -17.14
N PRO B 208 0.35 -5.88 -16.27
CA PRO B 208 0.88 -7.20 -16.60
C PRO B 208 -0.24 -8.21 -16.79
N ALA B 209 -1.31 -8.10 -16.01
CA ALA B 209 -2.44 -9.04 -16.05
C ALA B 209 -3.12 -9.13 -17.42
N SER B 210 -3.01 -8.06 -18.20
CA SER B 210 -3.46 -8.09 -19.59
C SER B 210 -2.30 -7.94 -20.58
N SER B 211 -1.06 -8.01 -20.09
CA SER B 211 0.16 -7.86 -20.92
C SER B 211 0.24 -6.52 -21.70
N THR B 212 -0.60 -5.55 -21.33
CA THR B 212 -0.67 -4.28 -22.04
C THR B 212 0.17 -3.17 -21.41
N THR B 213 0.88 -2.43 -22.27
CA THR B 213 1.61 -1.22 -21.93
C THR B 213 1.16 -0.10 -22.86
N VAL B 214 1.03 1.10 -22.31
CA VAL B 214 0.50 2.21 -23.05
C VAL B 214 1.38 3.40 -22.71
N ASP B 215 1.87 4.08 -23.73
CA ASP B 215 2.55 5.33 -23.46
C ASP B 215 1.68 6.53 -23.84
N LYS B 216 1.70 7.57 -23.02
CA LYS B 216 0.93 8.82 -23.28
C LYS B 216 1.81 10.05 -23.17
N LYS B 217 1.80 10.82 -24.22
CA LYS B 217 2.57 12.04 -24.28
C LYS B 217 1.68 13.14 -23.67
N LEU B 218 2.27 13.96 -22.81
CA LEU B 218 1.50 15.01 -22.19
C LEU B 218 1.59 16.30 -22.99
N GLU B 219 0.81 16.29 -24.09
CA GLU B 219 0.53 17.41 -25.00
C GLU B 219 -0.29 18.50 -24.29
N PRO B 220 -0.16 19.78 -24.71
CA PRO B 220 -1.13 20.72 -24.17
C PRO B 220 -2.34 20.83 -25.11
N SER B 221 -3.53 21.00 -24.54
CA SER B 221 -4.76 21.25 -25.35
C SER B 221 -4.84 22.69 -25.81
ZN ZN C . -1.48 -21.03 27.21
C ACT D . 14.36 1.12 9.52
O ACT D . 13.55 2.15 9.66
OXT ACT D . 14.16 0.11 8.73
CH3 ACT D . 15.62 1.07 10.33
C ACT E . -9.18 10.27 5.63
O ACT E . -8.25 11.13 5.79
OXT ACT E . -10.36 10.46 6.05
CH3 ACT E . -8.89 8.98 4.87
OAJ 2M9 F . 12.78 -24.76 22.31
SBD 2M9 F . 12.15 -23.39 22.30
OAC 2M9 F . 11.23 -23.31 23.47
OAD 2M9 F . 11.44 -23.35 20.98
CAT 2M9 F . 13.27 -22.22 22.43
CAM 2M9 F . 13.50 -21.31 21.40
CAS 2M9 F . 14.46 -20.29 21.50
SBC 2M9 F . 14.71 -19.25 20.27
OAA 2M9 F . 14.01 -19.72 19.09
OAB 2M9 F . 14.36 -17.91 20.77
OAI 2M9 F . 16.09 -19.14 19.90
CAW 2M9 F . 15.20 -20.18 22.71
CAO 2M9 F . 16.19 -19.19 22.87
CAP 2M9 F . 16.95 -19.07 24.02
CAX 2M9 F . 14.00 -22.12 23.60
CBA 2M9 F . 14.97 -21.11 23.74
CBB 2M9 F . 15.73 -20.99 24.91
CAY 2M9 F . 16.72 -19.99 25.06
CAQ 2M9 F . 13.75 -23.01 24.63
CAR 2M9 F . 14.49 -22.87 25.84
CAZ 2M9 F . 15.49 -21.91 25.96
CAV 2M9 F . 16.25 -21.82 27.16
OBF 2M9 F . 16.06 -22.72 28.20
CAG 2M9 F . 16.63 -22.48 29.50
CAN 2M9 F . 17.22 -20.82 27.28
CAU 2M9 F . 17.47 -19.90 26.25
SBE 2M9 F . 18.68 -18.81 26.51
OAK 2M9 F . 19.77 -19.06 25.53
OAE 2M9 F . 18.30 -17.37 26.30
OAF 2M9 F . 19.28 -19.12 27.85
P PO4 G . 19.65 -14.23 12.66
O1 PO4 G . 18.56 -15.16 12.19
O2 PO4 G . 19.25 -13.29 13.82
O3 PO4 G . 20.73 -15.02 13.25
O4 PO4 G . 19.91 -13.45 11.46
ZN ZN H . 5.25 14.59 -2.54
#